data_8RAQ
#
_entry.id   8RAQ
#
_cell.length_a   41.384
_cell.length_b   74.734
_cell.length_c   96.773
_cell.angle_alpha   90.000
_cell.angle_beta   90.740
_cell.angle_gamma   90.000
#
_symmetry.space_group_name_H-M   'P 1 21 1'
#
loop_
_entity.id
_entity.type
_entity.pdbx_description
1 polymer 'Mycolic acid methyltransferase MmaA1'
2 non-polymer S-ADENOSYLMETHIONINE
3 non-polymer GLYCEROL
4 non-polymer 1,2-ETHANEDIOL
5 non-polymer 'SODIUM ION'
6 water water
#
_entity_poly.entity_id   1
_entity_poly.type   'polypeptide(L)'
_entity_poly.pdbx_seq_one_letter_code
;HMAKLRPYYEESQSAYDISDDFFALFLDPTWVYTCAYFERDDMTLEEAQLAKVDLALDKLNLEPGMTLLDVGCGWGGALV
RAVEKYDVNVIGLTLSRNHYERSKDRLAAIGTQRRAEARLQGWEEFEENVDRIVSFEAFDAFKKERYLTFFERSYDILPD
DGRMLLHSLFTYDRRWLHEQGIALTMSDLRFLKFLRESIFPGGELPSEPDIVDNAQAAGFTIEHVQLLQQHYARTLDAWA
ANLQAARERAIAVQSEEVYNNFMHYLTGCAERFRRGLINVAQFTMTK
;
_entity_poly.pdbx_strand_id   A,A0A0
#
loop_
_chem_comp.id
_chem_comp.type
_chem_comp.name
_chem_comp.formula
EDO non-polymer 1,2-ETHANEDIOL 'C2 H6 O2'
GOL non-polymer GLYCEROL 'C3 H8 O3'
NA non-polymer 'SODIUM ION' 'Na 1'
SAM non-polymer S-ADENOSYLMETHIONINE 'C15 H22 N6 O5 S'
#
# COMPACT_ATOMS: atom_id res chain seq x y z
N ASP A 17 0.73 21.80 -3.40
CA ASP A 17 1.54 20.71 -2.84
C ASP A 17 0.86 20.07 -1.62
N ILE A 18 1.62 19.29 -0.87
CA ILE A 18 1.08 18.57 0.28
C ILE A 18 1.23 19.44 1.52
N SER A 19 0.17 19.54 2.30
CA SER A 19 0.14 20.46 3.42
C SER A 19 1.05 19.95 4.53
N ASP A 20 1.69 20.90 5.25
CA ASP A 20 2.40 20.54 6.48
C ASP A 20 1.49 19.73 7.41
N ASP A 21 0.19 20.02 7.41
CA ASP A 21 -0.72 19.35 8.34
C ASP A 21 -0.78 17.86 8.06
N PHE A 22 -0.53 17.44 6.83
CA PHE A 22 -0.50 16.03 6.48
C PHE A 22 0.76 15.37 7.04
N PHE A 23 1.92 15.99 6.81
CA PHE A 23 3.18 15.46 7.29
C PHE A 23 3.21 15.40 8.80
N ALA A 24 2.56 16.35 9.48
CA ALA A 24 2.51 16.36 10.92
C ALA A 24 1.84 15.12 11.47
N LEU A 25 1.07 14.40 10.65
CA LEU A 25 0.35 13.24 11.16
C LEU A 25 1.27 12.04 11.32
N PHE A 26 2.42 12.01 10.66
CA PHE A 26 3.30 10.86 10.72
C PHE A 26 4.75 11.14 11.09
N LEU A 27 5.21 12.39 11.04
CA LEU A 27 6.55 12.72 11.51
C LEU A 27 6.56 12.97 13.01
N ASP A 28 7.75 12.92 13.58
CA ASP A 28 7.92 13.25 14.99
C ASP A 28 8.05 14.75 15.19
N PRO A 29 8.13 15.21 16.45
CA PRO A 29 8.15 16.67 16.71
C PRO A 29 9.32 17.42 16.12
N THR A 30 10.40 16.77 15.72
CA THR A 30 11.50 17.48 15.09
C THR A 30 11.17 17.87 13.65
N TRP A 31 10.13 17.28 13.07
CA TRP A 31 9.78 17.43 11.65
C TRP A 31 10.85 16.85 10.70
N VAL A 32 11.81 16.09 11.19
CA VAL A 32 12.85 15.53 10.33
C VAL A 32 12.24 14.46 9.43
N TYR A 33 12.49 14.55 8.13
CA TYR A 33 11.87 13.67 7.12
C TYR A 33 12.95 13.01 6.28
N THR A 34 13.96 12.50 6.97
CA THR A 34 15.08 11.76 6.42
C THR A 34 15.42 10.62 7.39
N CYS A 35 16.26 9.71 6.93
CA CYS A 35 16.59 8.50 7.67
C CYS A 35 17.00 8.80 9.11
N ALA A 36 16.35 8.13 10.06
CA ALA A 36 16.72 8.25 11.48
C ALA A 36 17.87 7.30 11.80
N TYR A 37 18.38 7.41 13.02
CA TYR A 37 19.49 6.56 13.48
C TYR A 37 19.13 5.96 14.83
N PHE A 38 18.80 4.68 14.84
CA PHE A 38 18.41 3.99 16.09
C PHE A 38 19.68 3.53 16.80
N GLU A 39 20.37 4.52 17.38
CA GLU A 39 21.64 4.30 18.06
C GLU A 39 21.48 3.33 19.22
N ARG A 40 20.36 3.41 19.93
CA ARG A 40 19.91 2.39 20.86
C ARG A 40 18.64 1.79 20.28
N ASP A 41 18.46 0.50 20.48
CA ASP A 41 17.37 -0.19 19.80
C ASP A 41 16.01 0.28 20.30
N ASP A 42 15.92 0.75 21.54
CA ASP A 42 14.66 1.16 22.11
C ASP A 42 14.37 2.65 21.96
N MET A 43 15.13 3.39 21.14
CA MET A 43 14.79 4.79 20.98
C MET A 43 13.44 4.99 20.28
N THR A 44 12.74 6.05 20.66
CA THR A 44 11.58 6.51 19.92
C THR A 44 12.02 7.15 18.60
N LEU A 45 11.07 7.41 17.72
CA LEU A 45 11.39 8.07 16.46
C LEU A 45 12.07 9.42 16.69
N GLU A 46 11.53 10.23 17.59
CA GLU A 46 12.14 11.52 17.89
C GLU A 46 13.57 11.34 18.38
N GLU A 47 13.79 10.43 19.33
CA GLU A 47 15.15 10.22 19.83
C GLU A 47 16.09 9.77 18.71
N ALA A 48 15.60 8.92 17.80
CA ALA A 48 16.42 8.44 16.71
C ALA A 48 16.71 9.52 15.66
N GLN A 49 15.79 10.48 15.48
CA GLN A 49 16.08 11.60 14.56
C GLN A 49 17.12 12.53 15.17
N LEU A 50 16.98 12.85 16.47
CA LEU A 50 18.02 13.63 17.12
C LEU A 50 19.34 12.88 17.12
N ALA A 51 19.31 11.54 17.27
CA ALA A 51 20.55 10.77 17.22
C ALA A 51 21.22 10.87 15.85
N LYS A 52 20.40 10.89 14.78
CA LYS A 52 20.94 11.00 13.44
C LYS A 52 21.59 12.36 13.22
N VAL A 53 20.93 13.41 13.69
CA VAL A 53 21.51 14.76 13.57
C VAL A 53 22.83 14.82 14.34
N ASP A 54 22.81 14.34 15.59
CA ASP A 54 24.00 14.40 16.43
C ASP A 54 25.12 13.55 15.83
N LEU A 55 24.77 12.37 15.29
CA LEU A 55 25.75 11.52 14.63
C LEU A 55 26.54 12.32 13.58
N ALA A 56 25.80 13.06 12.73
CA ALA A 56 26.43 13.90 11.72
C ALA A 56 27.21 15.05 12.33
N LEU A 57 26.57 15.83 13.21
CA LEU A 57 27.22 17.03 13.74
C LEU A 57 28.44 16.70 14.57
N ASP A 58 28.44 15.59 15.30
CA ASP A 58 29.65 15.18 16.02
C ASP A 58 30.85 14.99 15.10
N LYS A 59 30.63 14.57 13.84
CA LYS A 59 31.71 14.37 12.87
C LYS A 59 32.28 15.68 12.35
N LEU A 60 31.62 16.81 12.62
CA LEU A 60 32.07 18.11 12.17
C LEU A 60 32.99 18.81 13.17
N ASN A 61 33.15 18.27 14.38
CA ASN A 61 34.01 18.87 15.40
C ASN A 61 33.66 20.35 15.62
N LEU A 62 32.38 20.57 15.93
CA LEU A 62 31.86 21.91 16.11
C LEU A 62 32.31 22.45 17.45
N GLU A 63 32.65 23.74 17.45
CA GLU A 63 32.91 24.48 18.66
C GLU A 63 31.90 25.60 18.76
N PRO A 64 31.47 25.97 19.95
CA PRO A 64 30.49 27.07 20.08
C PRO A 64 30.95 28.30 19.30
N GLY A 65 30.01 28.88 18.57
CA GLY A 65 30.28 30.08 17.81
C GLY A 65 30.74 29.85 16.40
N MET A 66 31.02 28.61 16.02
CA MET A 66 31.25 28.38 14.61
C MET A 66 29.96 28.63 13.81
N THR A 67 30.11 28.77 12.49
CA THR A 67 28.98 28.90 11.58
C THR A 67 28.80 27.64 10.75
N LEU A 68 27.61 27.07 10.86
CA LEU A 68 27.23 25.82 10.20
C LEU A 68 26.19 26.15 9.12
N LEU A 69 26.44 25.65 7.90
CA LEU A 69 25.47 25.73 6.82
C LEU A 69 24.80 24.37 6.69
N ASP A 70 23.46 24.37 6.63
CA ASP A 70 22.67 23.18 6.32
C ASP A 70 22.09 23.37 4.92
N VAL A 71 22.63 22.60 3.98
CA VAL A 71 22.14 22.65 2.60
C VAL A 71 20.91 21.74 2.45
N GLY A 72 19.75 22.35 2.30
CA GLY A 72 18.50 21.66 2.10
C GLY A 72 17.87 21.34 3.43
N CYS A 73 17.49 22.38 4.18
CA CYS A 73 17.26 22.28 5.62
C CYS A 73 15.88 21.79 6.00
N GLY A 74 15.00 21.50 5.04
CA GLY A 74 13.68 20.99 5.40
C GLY A 74 12.96 21.95 6.33
N TRP A 75 12.20 21.38 7.27
CA TRP A 75 11.45 22.17 8.23
C TRP A 75 12.30 22.57 9.45
N GLY A 76 13.63 22.46 9.37
CA GLY A 76 14.51 23.11 10.32
C GLY A 76 14.96 22.32 11.52
N GLY A 77 14.65 21.04 11.59
CA GLY A 77 14.95 20.30 12.80
C GLY A 77 16.43 20.22 13.09
N ALA A 78 17.22 19.95 12.07
CA ALA A 78 18.67 19.85 12.29
C ALA A 78 19.25 21.20 12.71
N LEU A 79 18.79 22.29 12.12
CA LEU A 79 19.27 23.62 12.49
C LEU A 79 18.94 23.94 13.94
N VAL A 80 17.73 23.61 14.38
CA VAL A 80 17.34 23.85 15.76
C VAL A 80 18.20 23.04 16.71
N ARG A 81 18.43 21.78 16.37
CA ARG A 81 19.29 20.93 17.19
C ARG A 81 20.72 21.46 17.23
N ALA A 82 21.24 21.92 16.09
CA ALA A 82 22.59 22.47 16.06
C ALA A 82 22.71 23.66 17.02
N VAL A 83 21.75 24.57 16.99
CA VAL A 83 21.79 25.71 17.91
C VAL A 83 21.68 25.24 19.36
N GLU A 84 20.68 24.40 19.65
CA GLU A 84 20.38 24.03 21.03
C GLU A 84 21.50 23.22 21.66
N LYS A 85 22.04 22.21 20.98
CA LYS A 85 23.01 21.31 21.57
C LYS A 85 24.44 21.77 21.33
N TYR A 86 24.73 22.35 20.15
CA TYR A 86 26.10 22.67 19.78
C TYR A 86 26.44 24.17 19.85
N ASP A 87 25.43 25.03 20.06
CA ASP A 87 25.67 26.47 20.30
C ASP A 87 26.47 27.08 19.16
N VAL A 88 26.06 26.75 17.94
CA VAL A 88 26.65 27.31 16.73
C VAL A 88 25.69 28.31 16.09
N ASN A 89 26.27 29.24 15.34
CA ASN A 89 25.55 30.04 14.38
C ASN A 89 25.13 29.13 13.23
N VAL A 90 23.94 29.36 12.67
CA VAL A 90 23.43 28.49 11.62
C VAL A 90 22.82 29.29 10.47
N ILE A 91 23.01 28.76 9.25
CA ILE A 91 22.32 29.22 8.06
C ILE A 91 21.76 27.97 7.35
N GLY A 92 20.45 27.97 7.10
CA GLY A 92 19.79 26.88 6.38
C GLY A 92 19.27 27.37 5.04
N LEU A 93 19.53 26.56 4.01
CA LEU A 93 19.04 26.85 2.66
C LEU A 93 17.99 25.80 2.28
N THR A 94 16.95 26.26 1.59
CA THR A 94 15.92 25.39 1.04
C THR A 94 15.34 26.06 -0.19
N LEU A 95 14.75 25.23 -1.06
CA LEU A 95 13.98 25.69 -2.22
C LEU A 95 12.49 25.62 -1.98
N SER A 96 12.06 25.08 -0.84
CA SER A 96 10.64 24.88 -0.53
C SER A 96 10.15 26.03 0.34
N ARG A 97 9.08 26.70 -0.11
CA ARG A 97 8.55 27.77 0.72
C ARG A 97 8.03 27.23 2.06
N ASN A 98 7.37 26.07 2.06
CA ASN A 98 6.85 25.56 3.33
C ASN A 98 7.98 25.19 4.27
N HIS A 99 9.04 24.57 3.74
CA HIS A 99 10.24 24.33 4.55
C HIS A 99 10.81 25.62 5.11
N TYR A 100 10.99 26.62 4.26
CA TYR A 100 11.56 27.88 4.71
C TYR A 100 10.72 28.50 5.82
N GLU A 101 9.38 28.53 5.67
CA GLU A 101 8.57 29.25 6.64
C GLU A 101 8.65 28.59 8.00
N ARG A 102 8.56 27.26 8.06
CA ARG A 102 8.65 26.62 9.36
C ARG A 102 10.03 26.76 9.95
N SER A 103 11.06 26.58 9.12
CA SER A 103 12.42 26.80 9.61
C SER A 103 12.58 28.20 10.18
N LYS A 104 12.13 29.21 9.44
CA LYS A 104 12.26 30.60 9.90
C LYS A 104 11.57 30.78 11.25
N ASP A 105 10.35 30.28 11.39
CA ASP A 105 9.61 30.44 12.63
C ASP A 105 10.28 29.69 13.78
N ARG A 106 10.72 28.46 13.53
CA ARG A 106 11.34 27.68 14.61
C ARG A 106 12.62 28.32 15.10
N LEU A 107 13.44 28.80 14.17
CA LEU A 107 14.72 29.41 14.55
C LEU A 107 14.50 30.70 15.30
N ALA A 108 13.50 31.49 14.90
CA ALA A 108 13.22 32.74 15.61
C ALA A 108 12.75 32.49 17.03
N ALA A 109 12.12 31.35 17.27
CA ALA A 109 11.58 31.04 18.57
C ALA A 109 12.60 30.44 19.50
N ILE A 110 13.77 30.06 18.99
CA ILE A 110 14.85 29.63 19.87
C ILE A 110 15.38 30.86 20.59
N GLY A 111 15.56 30.75 21.88
CA GLY A 111 16.31 31.76 22.58
C GLY A 111 17.79 31.52 22.39
N THR A 112 18.43 32.37 21.58
CA THR A 112 19.88 32.26 21.41
C THR A 112 20.43 33.62 21.05
N GLN A 113 21.68 33.87 21.48
CA GLN A 113 22.44 35.05 21.04
C GLN A 113 23.14 34.81 19.71
N ARG A 114 23.10 33.59 19.20
CA ARG A 114 23.72 33.27 17.93
C ARG A 114 22.85 33.75 16.76
N ARG A 115 23.48 33.79 15.60
CA ARG A 115 22.77 33.98 14.34
C ARG A 115 22.10 32.67 13.95
N ALA A 116 20.81 32.75 13.63
CA ALA A 116 20.05 31.56 13.25
C ALA A 116 19.13 31.98 12.13
N GLU A 117 19.47 31.61 10.90
CA GLU A 117 18.70 32.10 9.79
C GLU A 117 18.37 30.96 8.82
N ALA A 118 17.16 31.06 8.26
CA ALA A 118 16.73 30.24 7.15
C ALA A 118 16.55 31.09 5.93
N ARG A 119 16.84 30.51 4.77
CA ARG A 119 16.70 31.24 3.53
C ARG A 119 16.06 30.38 2.45
N LEU A 120 15.22 31.01 1.63
CA LEU A 120 14.68 30.41 0.41
C LEU A 120 15.68 30.78 -0.68
N GLN A 121 16.65 29.90 -0.88
CA GLN A 121 17.83 30.15 -1.69
C GLN A 121 18.48 28.81 -1.98
N GLY A 122 18.91 28.61 -3.19
CA GLY A 122 19.64 27.40 -3.52
C GLY A 122 21.12 27.53 -3.20
N TRP A 123 21.79 26.39 -3.01
CA TRP A 123 23.24 26.44 -2.77
C TRP A 123 23.98 27.08 -3.94
N GLU A 124 23.42 26.99 -5.13
CA GLU A 124 24.07 27.56 -6.31
C GLU A 124 24.25 29.06 -6.18
N GLU A 125 23.39 29.73 -5.42
CA GLU A 125 23.42 31.17 -5.23
C GLU A 125 24.11 31.59 -3.94
N PHE A 126 24.60 30.65 -3.14
CA PHE A 126 25.18 30.94 -1.84
C PHE A 126 26.70 30.91 -1.96
N GLU A 127 27.33 32.00 -1.55
CA GLU A 127 28.77 32.16 -1.70
C GLU A 127 29.49 32.65 -0.44
N GLU A 128 28.81 32.67 0.70
CA GLU A 128 29.41 33.16 1.92
C GLU A 128 30.28 32.09 2.56
N ASN A 129 31.34 32.53 3.24
CA ASN A 129 32.20 31.62 3.96
C ASN A 129 31.47 31.09 5.19
N VAL A 130 31.63 29.79 5.44
CA VAL A 130 31.08 29.12 6.60
C VAL A 130 32.16 28.19 7.14
N ASP A 131 32.04 27.79 8.40
CA ASP A 131 33.09 26.94 8.98
C ASP A 131 32.86 25.46 8.68
N ARG A 132 31.60 25.04 8.57
CA ARG A 132 31.24 23.62 8.41
C ARG A 132 29.97 23.56 7.60
N ILE A 133 29.77 22.43 6.90
CA ILE A 133 28.56 22.17 6.12
C ILE A 133 28.00 20.80 6.48
N VAL A 134 26.67 20.74 6.59
CA VAL A 134 25.94 19.50 6.70
C VAL A 134 24.83 19.52 5.64
N SER A 135 24.42 18.32 5.20
CA SER A 135 23.32 18.19 4.27
C SER A 135 22.70 16.82 4.42
N PHE A 136 21.39 16.77 4.61
CA PHE A 136 20.67 15.51 4.79
C PHE A 136 19.66 15.27 3.66
N GLU A 137 20.02 14.38 2.73
CA GLU A 137 19.11 13.94 1.66
C GLU A 137 18.63 15.08 0.78
N ALA A 138 19.54 16.01 0.50
CA ALA A 138 19.34 17.01 -0.54
C ALA A 138 20.07 16.66 -1.82
N PHE A 139 21.23 16.05 -1.72
CA PHE A 139 22.09 15.81 -2.88
C PHE A 139 21.38 15.02 -3.97
N ASP A 140 20.49 14.08 -3.61
CA ASP A 140 19.74 13.37 -4.66
C ASP A 140 18.73 14.25 -5.41
N ALA A 141 18.39 15.42 -4.91
CA ALA A 141 17.56 16.34 -5.65
C ALA A 141 18.35 17.19 -6.63
N PHE A 142 19.69 17.07 -6.62
CA PHE A 142 20.47 17.86 -7.55
C PHE A 142 20.54 17.14 -8.91
N LYS A 143 20.58 17.93 -9.98
CA LYS A 143 20.86 17.36 -11.29
C LYS A 143 22.28 16.81 -11.31
N LYS A 144 22.47 15.71 -12.05
CA LYS A 144 23.80 15.12 -12.15
C LYS A 144 24.81 16.10 -12.72
N GLU A 145 24.35 17.05 -13.55
CA GLU A 145 25.23 18.07 -14.12
C GLU A 145 25.73 19.05 -13.10
N ARG A 146 25.20 18.99 -11.87
CA ARG A 146 25.66 19.86 -10.79
C ARG A 146 26.41 19.15 -9.69
N TYR A 147 26.67 17.85 -9.81
CA TYR A 147 27.30 17.14 -8.72
C TYR A 147 28.69 17.72 -8.45
N LEU A 148 29.51 17.84 -9.49
CA LEU A 148 30.85 18.38 -9.29
C LEU A 148 30.80 19.82 -8.81
N THR A 149 29.98 20.64 -9.46
CA THR A 149 29.80 22.03 -9.06
C THR A 149 29.46 22.16 -7.59
N PHE A 150 28.60 21.28 -7.07
CA PHE A 150 28.26 21.35 -5.66
C PHE A 150 29.49 21.14 -4.78
N PHE A 151 30.32 20.16 -5.10
CA PHE A 151 31.50 19.92 -4.29
C PHE A 151 32.51 21.05 -4.42
N GLU A 152 32.63 21.61 -5.63
CA GLU A 152 33.53 22.74 -5.82
C GLU A 152 33.09 23.94 -5.00
N ARG A 153 31.79 24.22 -4.98
CA ARG A 153 31.28 25.34 -4.20
C ARG A 153 31.50 25.09 -2.71
N SER A 154 31.18 23.87 -2.25
CA SER A 154 31.36 23.52 -0.84
C SER A 154 32.81 23.65 -0.43
N TYR A 155 33.73 23.16 -1.26
CA TYR A 155 35.16 23.29 -0.96
C TYR A 155 35.53 24.77 -0.83
N ASP A 156 35.00 25.60 -1.71
CA ASP A 156 35.41 27.01 -1.78
C ASP A 156 34.95 27.81 -0.57
N ILE A 157 33.76 27.50 -0.03
CA ILE A 157 33.23 28.31 1.08
C ILE A 157 33.73 27.85 2.43
N LEU A 158 34.38 26.74 2.49
CA LEU A 158 34.93 26.21 3.72
C LEU A 158 36.36 26.70 3.94
N PRO A 159 36.78 26.82 5.21
CA PRO A 159 38.17 27.21 5.51
C PRO A 159 39.12 26.06 5.23
N ASP A 160 40.41 26.31 5.40
CA ASP A 160 41.41 25.30 5.04
C ASP A 160 41.24 24.01 5.83
N ASP A 161 40.73 24.09 7.06
CA ASP A 161 40.49 22.93 7.89
C ASP A 161 39.01 22.59 7.97
N GLY A 162 38.24 23.02 6.99
CA GLY A 162 36.80 22.76 7.00
C GLY A 162 36.45 21.31 6.80
N ARG A 163 35.20 21.00 7.16
CA ARG A 163 34.67 19.64 7.04
C ARG A 163 33.22 19.75 6.58
N MET A 164 32.78 18.72 5.84
CA MET A 164 31.40 18.68 5.38
C MET A 164 30.92 17.25 5.69
N LEU A 165 29.70 17.13 6.20
CA LEU A 165 29.05 15.84 6.41
C LEU A 165 27.92 15.78 5.39
N LEU A 166 28.11 14.94 4.36
CA LEU A 166 27.10 14.73 3.33
C LEU A 166 26.33 13.45 3.66
N HIS A 167 25.03 13.57 3.98
CA HIS A 167 24.17 12.42 4.24
C HIS A 167 23.31 12.31 2.98
N SER A 168 23.48 11.22 2.24
CA SER A 168 22.79 11.11 0.96
C SER A 168 22.34 9.68 0.67
N LEU A 169 21.21 9.60 -0.04
CA LEU A 169 20.84 8.36 -0.69
C LEU A 169 21.76 8.08 -1.87
N PHE A 170 21.85 6.80 -2.26
CA PHE A 170 22.52 6.43 -3.50
C PHE A 170 22.02 5.06 -3.92
N THR A 171 22.25 4.73 -5.19
CA THR A 171 21.72 3.53 -5.80
C THR A 171 22.85 2.65 -6.28
N TYR A 172 22.49 1.44 -6.69
CA TYR A 172 23.41 0.45 -7.23
C TYR A 172 22.92 -0.02 -8.60
N ASP A 173 23.86 -0.34 -9.48
CA ASP A 173 23.50 -0.86 -10.79
C ASP A 173 23.34 -2.38 -10.78
N ARG A 174 22.83 -2.91 -11.88
CA ARG A 174 22.53 -4.34 -11.96
C ARG A 174 23.72 -5.20 -11.62
N ARG A 175 24.89 -4.85 -12.16
CA ARG A 175 26.07 -5.69 -11.97
C ARG A 175 26.45 -5.75 -10.50
N TRP A 176 26.45 -4.60 -9.81
CA TRP A 176 26.80 -4.61 -8.40
C TRP A 176 25.77 -5.39 -7.59
N LEU A 177 24.49 -5.10 -7.84
CA LEU A 177 23.44 -5.84 -7.16
C LEU A 177 23.63 -7.34 -7.34
N HIS A 178 23.85 -7.78 -8.58
CA HIS A 178 23.97 -9.20 -8.87
C HIS A 178 25.14 -9.80 -8.12
N GLU A 179 26.27 -9.10 -8.09
CA GLU A 179 27.42 -9.59 -7.33
C GLU A 179 27.10 -9.73 -5.85
N GLN A 180 26.16 -8.95 -5.35
CA GLN A 180 25.72 -9.03 -3.97
C GLN A 180 24.55 -9.98 -3.75
N GLY A 181 24.09 -10.67 -4.80
CA GLY A 181 23.01 -11.62 -4.66
C GLY A 181 21.62 -11.03 -4.80
N ILE A 182 21.51 -9.82 -5.34
CA ILE A 182 20.25 -9.09 -5.43
C ILE A 182 19.86 -8.85 -6.88
N ALA A 183 18.58 -8.97 -7.18
CA ALA A 183 18.04 -8.70 -8.51
C ALA A 183 16.95 -7.66 -8.43
N LEU A 184 16.89 -6.83 -9.49
CA LEU A 184 15.80 -5.89 -9.68
C LEU A 184 14.69 -6.56 -10.45
N THR A 185 13.48 -6.51 -9.93
CA THR A 185 12.32 -7.19 -10.52
C THR A 185 11.50 -6.24 -11.37
N MET A 186 10.54 -6.82 -12.11
CA MET A 186 9.61 -5.99 -12.87
C MET A 186 8.82 -5.06 -11.94
N SER A 187 8.47 -5.55 -10.76
CA SER A 187 7.84 -4.68 -9.77
C SER A 187 8.73 -3.52 -9.36
N ASP A 188 10.03 -3.77 -9.21
CA ASP A 188 10.93 -2.68 -8.85
C ASP A 188 10.98 -1.61 -9.94
N LEU A 189 10.95 -2.03 -11.20
CA LEU A 189 10.94 -1.06 -12.30
C LEU A 189 9.68 -0.22 -12.27
N ARG A 190 8.53 -0.85 -12.00
CA ARG A 190 7.28 -0.12 -11.85
C ARG A 190 7.37 0.88 -10.70
N PHE A 191 8.02 0.46 -9.60
CA PHE A 191 8.12 1.35 -8.45
C PHE A 191 9.00 2.55 -8.74
N LEU A 192 10.11 2.34 -9.45
CA LEU A 192 10.95 3.45 -9.87
C LEU A 192 10.17 4.44 -10.73
N LYS A 193 9.34 3.95 -11.66
CA LYS A 193 8.53 4.86 -12.47
C LYS A 193 7.56 5.65 -11.59
N PHE A 194 6.97 4.99 -10.58
CA PHE A 194 6.13 5.69 -9.62
C PHE A 194 6.89 6.81 -8.91
N LEU A 195 8.12 6.53 -8.48
CA LEU A 195 8.92 7.58 -7.84
C LEU A 195 9.19 8.74 -8.78
N ARG A 196 9.58 8.44 -10.02
CA ARG A 196 9.97 9.51 -10.95
C ARG A 196 8.80 10.43 -11.23
N GLU A 197 7.59 9.89 -11.28
CA GLU A 197 6.40 10.65 -11.60
C GLU A 197 5.67 11.19 -10.37
N SER A 198 6.37 11.29 -9.23
CA SER A 198 5.77 11.71 -7.98
C SER A 198 6.72 12.67 -7.26
N ILE A 199 6.25 13.19 -6.12
CA ILE A 199 7.09 14.04 -5.27
C ILE A 199 8.05 13.25 -4.40
N PHE A 200 8.05 11.95 -4.53
CA PHE A 200 8.81 11.17 -3.58
C PHE A 200 10.26 11.01 -4.04
N PRO A 201 11.20 10.88 -3.11
CA PRO A 201 12.60 10.74 -3.52
C PRO A 201 12.92 9.33 -4.00
N GLY A 202 13.97 9.25 -4.82
CA GLY A 202 14.51 7.98 -5.25
C GLY A 202 14.40 7.68 -6.72
N GLY A 203 13.85 8.59 -7.54
CA GLY A 203 13.65 8.27 -8.94
C GLY A 203 14.91 8.31 -9.78
N GLU A 204 15.86 9.19 -9.42
CA GLU A 204 17.08 9.37 -10.20
C GLU A 204 18.25 9.57 -9.25
N LEU A 205 18.53 8.52 -8.48
CA LEU A 205 19.53 8.62 -7.43
C LEU A 205 20.95 8.61 -8.02
N PRO A 206 21.88 9.27 -7.34
CA PRO A 206 23.28 9.14 -7.72
C PRO A 206 23.81 7.75 -7.36
N SER A 207 24.85 7.34 -8.09
CA SER A 207 25.60 6.18 -7.65
C SER A 207 26.58 6.58 -6.56
N GLU A 208 27.16 5.59 -5.88
CA GLU A 208 28.22 5.94 -4.93
C GLU A 208 29.38 6.64 -5.62
N PRO A 209 29.88 6.18 -6.77
CA PRO A 209 30.90 6.97 -7.47
C PRO A 209 30.49 8.40 -7.78
N ASP A 210 29.25 8.65 -8.13
CA ASP A 210 28.82 10.03 -8.36
C ASP A 210 29.11 10.92 -7.15
N ILE A 211 29.02 10.36 -5.94
CA ILE A 211 29.34 11.14 -4.74
C ILE A 211 30.85 11.21 -4.54
N VAL A 212 31.50 10.04 -4.50
CA VAL A 212 32.89 9.98 -4.05
C VAL A 212 33.81 10.56 -5.11
N ASP A 213 33.60 10.21 -6.38
CA ASP A 213 34.57 10.65 -7.39
C ASP A 213 34.51 12.16 -7.57
N ASN A 214 33.31 12.74 -7.56
CA ASN A 214 33.19 14.18 -7.69
C ASN A 214 33.69 14.90 -6.46
N ALA A 215 33.43 14.36 -5.27
CA ALA A 215 33.97 15.01 -4.07
C ALA A 215 35.49 15.04 -4.09
N GLN A 216 36.10 13.93 -4.49
CA GLN A 216 37.56 13.86 -4.53
C GLN A 216 38.13 14.76 -5.61
N ALA A 217 37.46 14.85 -6.77
CA ALA A 217 37.95 15.75 -7.82
C ALA A 217 37.96 17.20 -7.36
N ALA A 218 37.04 17.57 -6.48
CA ALA A 218 36.96 18.92 -5.94
C ALA A 218 37.98 19.16 -4.85
N GLY A 219 38.63 18.12 -4.35
CA GLY A 219 39.69 18.27 -3.36
C GLY A 219 39.38 17.66 -2.01
N PHE A 220 38.23 17.03 -1.82
CA PHE A 220 37.89 16.48 -0.52
C PHE A 220 38.52 15.11 -0.34
N THR A 221 38.85 14.80 0.92
CA THR A 221 39.18 13.45 1.36
C THR A 221 37.92 12.84 1.98
N ILE A 222 37.64 11.60 1.63
CA ILE A 222 36.55 10.85 2.25
C ILE A 222 37.14 10.15 3.47
N GLU A 223 36.92 10.74 4.65
CA GLU A 223 37.47 10.20 5.89
C GLU A 223 36.71 8.96 6.36
N HIS A 224 35.40 8.94 6.19
CA HIS A 224 34.58 7.85 6.71
C HIS A 224 33.27 7.80 5.94
N VAL A 225 32.77 6.58 5.72
CA VAL A 225 31.44 6.35 5.15
C VAL A 225 30.67 5.46 6.11
N GLN A 226 29.52 5.94 6.61
CA GLN A 226 28.69 5.18 7.53
C GLN A 226 27.36 4.88 6.84
N LEU A 227 27.12 3.60 6.57
CA LEU A 227 25.91 3.18 5.89
C LEU A 227 24.79 3.08 6.91
N LEU A 228 23.58 3.44 6.49
CA LEU A 228 22.40 3.50 7.35
C LEU A 228 21.19 2.78 6.75
N GLN A 229 21.45 1.87 5.82
CA GLN A 229 20.41 1.18 5.06
C GLN A 229 19.26 0.64 5.92
N GLN A 230 19.58 -0.16 6.95
CA GLN A 230 18.54 -0.78 7.76
C GLN A 230 17.88 0.20 8.73
N HIS A 231 18.57 1.27 9.09
CA HIS A 231 17.92 2.33 9.83
C HIS A 231 16.84 2.98 8.99
N TYR A 232 17.08 3.15 7.68
CA TYR A 232 16.05 3.74 6.83
C TYR A 232 14.84 2.82 6.74
N ALA A 233 15.08 1.50 6.59
CA ALA A 233 13.96 0.56 6.59
C ALA A 233 13.09 0.75 7.83
N ARG A 234 13.73 0.81 8.99
CA ARG A 234 12.99 1.02 10.23
C ARG A 234 12.28 2.36 10.28
N THR A 235 12.94 3.42 9.82
CA THR A 235 12.33 4.74 9.81
C THR A 235 11.06 4.74 8.97
N LEU A 236 11.16 4.24 7.74
CA LEU A 236 10.03 4.20 6.83
C LEU A 236 8.89 3.34 7.38
N ASP A 237 9.24 2.23 8.03
CA ASP A 237 8.22 1.42 8.70
C ASP A 237 7.48 2.25 9.75
N ALA A 238 8.23 3.05 10.51
CA ALA A 238 7.61 3.86 11.56
C ALA A 238 6.68 4.92 10.99
N TRP A 239 7.13 5.60 9.93
CA TRP A 239 6.27 6.59 9.29
C TRP A 239 4.99 5.94 8.77
N ALA A 240 5.12 4.78 8.12
CA ALA A 240 3.93 4.11 7.57
C ALA A 240 2.98 3.72 8.69
N ALA A 241 3.52 3.20 9.79
CA ALA A 241 2.66 2.82 10.91
C ALA A 241 1.94 4.04 11.49
N ASN A 242 2.65 5.16 11.60
CA ASN A 242 2.03 6.38 12.09
C ASN A 242 0.94 6.84 11.14
N LEU A 243 1.21 6.79 9.83
CA LEU A 243 0.24 7.31 8.88
C LEU A 243 -1.03 6.45 8.84
N GLN A 244 -0.87 5.11 8.89
CA GLN A 244 -2.05 4.25 8.90
C GLN A 244 -2.88 4.49 10.15
N ALA A 245 -2.22 4.72 11.26
CA ALA A 245 -2.97 4.96 12.51
C ALA A 245 -3.76 6.26 12.48
N ALA A 246 -3.35 7.21 11.61
CA ALA A 246 -4.00 8.50 11.42
C ALA A 246 -4.71 8.59 10.07
N ARG A 247 -5.13 7.44 9.52
CA ARG A 247 -5.61 7.42 8.14
C ARG A 247 -6.77 8.37 7.92
N GLU A 248 -7.76 8.35 8.81
CA GLU A 248 -8.94 9.19 8.61
C GLU A 248 -8.56 10.66 8.57
N ARG A 249 -7.67 11.07 9.49
CA ARG A 249 -7.27 12.47 9.53
C ARG A 249 -6.42 12.83 8.32
N ALA A 250 -5.63 11.87 7.81
CA ALA A 250 -4.83 12.12 6.61
C ALA A 250 -5.70 12.31 5.38
N ILE A 251 -6.72 11.47 5.23
CA ILE A 251 -7.66 11.60 4.14
C ILE A 251 -8.38 12.93 4.24
N ALA A 252 -8.77 13.34 5.46
CA ALA A 252 -9.44 14.63 5.63
C ALA A 252 -8.57 15.82 5.22
N VAL A 253 -7.28 15.79 5.57
CA VAL A 253 -6.37 16.87 5.23
C VAL A 253 -6.09 16.88 3.72
N GLN A 254 -5.92 15.70 3.13
CA GLN A 254 -5.62 15.58 1.71
C GLN A 254 -6.75 14.79 1.06
N SER A 255 -6.53 13.50 0.76
CA SER A 255 -7.51 12.66 0.09
C SER A 255 -7.05 11.23 0.21
N GLU A 256 -7.96 10.30 -0.10
CA GLU A 256 -7.61 8.88 -0.08
C GLU A 256 -6.54 8.55 -1.11
N GLU A 257 -6.59 9.19 -2.28
CA GLU A 257 -5.56 8.99 -3.28
C GLU A 257 -4.18 9.33 -2.74
N VAL A 258 -4.06 10.50 -2.11
CA VAL A 258 -2.78 10.95 -1.57
C VAL A 258 -2.32 10.02 -0.44
N TYR A 259 -3.25 9.68 0.46
CA TYR A 259 -2.95 8.76 1.54
C TYR A 259 -2.38 7.46 0.96
N ASN A 260 -3.10 6.86 0.00
CA ASN A 260 -2.64 5.58 -0.54
C ASN A 260 -1.30 5.69 -1.26
N ASN A 261 -1.07 6.82 -1.96
CA ASN A 261 0.22 7.03 -2.61
C ASN A 261 1.35 7.14 -1.60
N PHE A 262 1.15 7.87 -0.50
CA PHE A 262 2.13 7.91 0.56
C PHE A 262 2.39 6.54 1.14
N MET A 263 1.31 5.77 1.42
CA MET A 263 1.55 4.44 1.95
C MET A 263 2.35 3.56 1.00
N HIS A 264 2.05 3.67 -0.29
CA HIS A 264 2.80 2.92 -1.29
C HIS A 264 4.27 3.32 -1.27
N TYR A 265 4.56 4.63 -1.22
CA TYR A 265 5.96 5.08 -1.13
C TYR A 265 6.65 4.55 0.11
N LEU A 266 6.01 4.76 1.28
CA LEU A 266 6.68 4.45 2.53
C LEU A 266 6.96 2.97 2.64
N THR A 267 5.96 2.14 2.36
CA THR A 267 6.15 0.70 2.50
C THR A 267 7.03 0.12 1.38
N GLY A 268 6.91 0.65 0.16
CA GLY A 268 7.72 0.17 -0.94
C GLY A 268 9.17 0.53 -0.75
N CYS A 269 9.42 1.74 -0.26
CA CYS A 269 10.80 2.14 -0.01
CA CYS A 269 10.79 2.15 0.00
C CYS A 269 11.39 1.34 1.16
N ALA A 270 10.58 1.10 2.18
CA ALA A 270 11.09 0.30 3.29
C ALA A 270 11.53 -1.08 2.82
N GLU A 271 10.69 -1.71 2.01
CA GLU A 271 11.01 -3.03 1.48
C GLU A 271 12.32 -3.01 0.69
N ARG A 272 12.53 -1.94 -0.09
CA ARG A 272 13.69 -1.87 -0.95
C ARG A 272 14.98 -1.57 -0.18
N PHE A 273 14.90 -0.77 0.88
CA PHE A 273 16.08 -0.65 1.74
C PHE A 273 16.37 -1.95 2.45
N ARG A 274 15.35 -2.64 2.93
CA ARG A 274 15.61 -3.91 3.61
C ARG A 274 16.29 -4.92 2.71
N ARG A 275 15.89 -4.96 1.44
CA ARG A 275 16.42 -5.90 0.47
C ARG A 275 17.79 -5.51 -0.03
N GLY A 276 18.18 -4.23 0.14
CA GLY A 276 19.48 -3.79 -0.28
C GLY A 276 19.55 -3.17 -1.67
N LEU A 277 18.41 -2.81 -2.26
CA LEU A 277 18.43 -2.29 -3.62
C LEU A 277 19.04 -0.91 -3.69
N ILE A 278 18.92 -0.12 -2.62
CA ILE A 278 19.45 1.23 -2.55
C ILE A 278 20.03 1.40 -1.16
N ASN A 279 20.70 2.52 -0.94
CA ASN A 279 21.39 2.73 0.33
C ASN A 279 21.32 4.20 0.70
N VAL A 280 21.78 4.49 1.91
CA VAL A 280 21.86 5.85 2.43
C VAL A 280 23.07 5.86 3.35
N ALA A 281 23.86 6.92 3.28
CA ALA A 281 25.06 6.96 4.07
C ALA A 281 25.46 8.39 4.43
N GLN A 282 26.26 8.48 5.48
CA GLN A 282 26.92 9.72 5.86
C GLN A 282 28.38 9.65 5.46
N PHE A 283 28.80 10.60 4.61
CA PHE A 283 30.16 10.71 4.10
C PHE A 283 30.84 11.87 4.81
N THR A 284 31.86 11.55 5.64
CA THR A 284 32.61 12.61 6.28
C THR A 284 33.70 13.09 5.33
N MET A 285 33.63 14.36 4.93
CA MET A 285 34.53 14.87 3.92
C MET A 285 35.41 15.98 4.49
N THR A 286 36.72 15.87 4.30
CA THR A 286 37.64 16.82 4.88
C THR A 286 38.52 17.40 3.79
N LYS A 287 39.19 18.50 4.13
CA LYS A 287 40.07 19.19 3.20
C LYS A 287 41.51 18.77 3.44
N ASP B 17 -1.48 -21.02 -4.14
CA ASP B 17 -0.21 -21.24 -3.45
C ASP B 17 -0.09 -20.43 -2.18
N ILE B 18 -0.91 -19.39 -2.01
CA ILE B 18 -0.94 -18.67 -0.74
C ILE B 18 -1.61 -19.55 0.31
N SER B 19 -0.94 -19.73 1.44
CA SER B 19 -1.38 -20.68 2.44
C SER B 19 -2.63 -20.18 3.15
N ASP B 20 -3.49 -21.13 3.53
CA ASP B 20 -4.65 -20.77 4.36
C ASP B 20 -4.21 -19.98 5.60
N ASP B 21 -2.99 -20.26 6.13
CA ASP B 21 -2.52 -19.58 7.33
C ASP B 21 -2.39 -18.07 7.12
N PHE B 22 -2.14 -17.64 5.89
CA PHE B 22 -2.07 -16.21 5.60
C PHE B 22 -3.47 -15.60 5.61
N PHE B 23 -4.42 -16.22 4.91
CA PHE B 23 -5.79 -15.71 4.89
C PHE B 23 -6.42 -15.71 6.26
N ALA B 24 -6.07 -16.68 7.12
CA ALA B 24 -6.61 -16.73 8.46
C ALA B 24 -6.25 -15.49 9.27
N LEU B 25 -5.19 -14.80 8.87
CA LEU B 25 -4.77 -13.60 9.59
C LEU B 25 -5.70 -12.42 9.40
N PHE B 26 -6.51 -12.40 8.34
CA PHE B 26 -7.34 -11.22 8.09
C PHE B 26 -8.80 -11.50 7.84
N LEU B 27 -9.19 -12.74 7.58
CA LEU B 27 -10.60 -13.08 7.38
C LEU B 27 -11.24 -13.38 8.74
N ASP B 28 -12.55 -13.38 8.78
CA ASP B 28 -13.31 -13.71 9.99
C ASP B 28 -13.47 -15.22 10.09
N PRO B 29 -14.07 -15.70 11.18
CA PRO B 29 -14.17 -17.16 11.36
C PRO B 29 -15.02 -17.89 10.33
N THR B 30 -15.84 -17.18 9.56
CA THR B 30 -16.59 -17.87 8.51
C THR B 30 -15.69 -18.22 7.33
N TRP B 31 -14.50 -17.61 7.25
CA TRP B 31 -13.59 -17.74 6.10
C TRP B 31 -14.19 -17.17 4.81
N VAL B 32 -15.24 -16.36 4.90
CA VAL B 32 -15.84 -15.78 3.68
C VAL B 32 -14.92 -14.68 3.16
N TYR B 33 -14.64 -14.70 1.86
CA TYR B 33 -13.67 -13.81 1.23
C TYR B 33 -14.32 -13.11 0.06
N THR B 34 -15.53 -12.59 0.33
CA THR B 34 -16.34 -11.84 -0.64
C THR B 34 -17.05 -10.74 0.17
N CYS B 35 -17.69 -9.83 -0.55
CA CYS B 35 -18.32 -8.66 0.02
C CYS B 35 -19.28 -9.02 1.13
N ALA B 36 -19.08 -8.41 2.30
CA ALA B 36 -19.98 -8.58 3.44
C ALA B 36 -21.18 -7.62 3.32
N TYR B 37 -22.18 -7.81 4.20
CA TYR B 37 -23.38 -6.95 4.21
C TYR B 37 -23.61 -6.42 5.62
N PHE B 38 -23.30 -5.15 5.83
CA PHE B 38 -23.46 -4.51 7.14
C PHE B 38 -24.92 -4.08 7.32
N GLU B 39 -25.78 -5.10 7.52
CA GLU B 39 -27.21 -4.85 7.60
C GLU B 39 -27.54 -3.94 8.75
N ARG B 40 -26.77 -4.03 9.84
CA ARG B 40 -26.77 -3.02 10.89
C ARG B 40 -25.39 -2.39 10.90
N ASP B 41 -25.35 -1.08 11.16
CA ASP B 41 -24.07 -0.38 11.08
C ASP B 41 -23.05 -0.96 12.04
N ASP B 42 -23.49 -1.49 13.18
CA ASP B 42 -22.58 -1.95 14.22
C ASP B 42 -22.23 -3.43 14.14
N MET B 43 -22.57 -4.12 13.05
CA MET B 43 -22.18 -5.51 12.98
C MET B 43 -20.66 -5.66 12.90
N THR B 44 -20.17 -6.73 13.53
CA THR B 44 -18.81 -7.19 13.30
C THR B 44 -18.68 -7.73 11.88
N LEU B 45 -17.44 -8.00 11.48
CA LEU B 45 -17.21 -8.58 10.16
C LEU B 45 -17.86 -9.96 10.05
N GLU B 46 -17.78 -10.78 11.10
CA GLU B 46 -18.40 -12.10 11.05
C GLU B 46 -19.93 -11.97 10.91
N GLU B 47 -20.54 -11.10 11.70
CA GLU B 47 -21.99 -10.91 11.61
C GLU B 47 -22.37 -10.44 10.22
N ALA B 48 -21.55 -9.57 9.63
CA ALA B 48 -21.87 -9.03 8.31
C ALA B 48 -21.69 -10.06 7.21
N GLN B 49 -20.75 -10.99 7.39
CA GLN B 49 -20.62 -12.08 6.41
C GLN B 49 -21.81 -13.03 6.49
N LEU B 50 -22.24 -13.39 7.70
CA LEU B 50 -23.42 -14.21 7.83
C LEU B 50 -24.65 -13.47 7.29
N ALA B 51 -24.71 -12.16 7.53
CA ALA B 51 -25.82 -11.37 7.00
C ALA B 51 -25.86 -11.39 5.48
N LYS B 52 -24.69 -11.37 4.85
CA LYS B 52 -24.61 -11.42 3.39
C LYS B 52 -25.10 -12.77 2.86
N VAL B 53 -24.65 -13.84 3.51
CA VAL B 53 -25.10 -15.16 3.09
C VAL B 53 -26.61 -15.27 3.25
N ASP B 54 -27.12 -14.85 4.41
CA ASP B 54 -28.56 -14.97 4.67
C ASP B 54 -29.35 -14.07 3.71
N LEU B 55 -28.80 -12.92 3.36
CA LEU B 55 -29.48 -12.02 2.42
C LEU B 55 -29.72 -12.74 1.11
N ALA B 56 -28.70 -13.46 0.63
CA ALA B 56 -28.84 -14.22 -0.60
C ALA B 56 -29.77 -15.42 -0.42
N LEU B 57 -29.56 -16.21 0.63
CA LEU B 57 -30.32 -17.45 0.78
C LEU B 57 -31.79 -17.18 1.06
N ASP B 58 -32.12 -16.09 1.76
CA ASP B 58 -33.52 -15.74 1.95
C ASP B 58 -34.24 -15.50 0.61
N LYS B 59 -33.50 -15.02 -0.39
CA LYS B 59 -34.09 -14.74 -1.70
C LYS B 59 -34.39 -16.00 -2.50
N LEU B 60 -33.88 -17.15 -2.08
CA LEU B 60 -34.09 -18.41 -2.77
C LEU B 60 -35.32 -19.17 -2.28
N ASN B 61 -35.97 -18.71 -1.21
CA ASN B 61 -37.17 -19.37 -0.70
C ASN B 61 -36.92 -20.85 -0.43
N LEU B 62 -35.87 -21.13 0.34
CA LEU B 62 -35.48 -22.50 0.61
C LEU B 62 -36.46 -23.16 1.56
N GLU B 63 -36.78 -24.40 1.27
CA GLU B 63 -37.53 -25.23 2.22
C GLU B 63 -36.64 -26.37 2.69
N PRO B 64 -36.78 -26.81 3.93
CA PRO B 64 -35.94 -27.91 4.42
C PRO B 64 -36.02 -29.10 3.47
N GLY B 65 -34.86 -29.68 3.19
CA GLY B 65 -34.78 -30.85 2.33
C GLY B 65 -34.57 -30.54 0.86
N MET B 66 -34.70 -29.28 0.46
CA MET B 66 -34.27 -28.94 -0.88
C MET B 66 -32.76 -29.17 -1.03
N THR B 67 -32.28 -29.17 -2.27
CA THR B 67 -30.85 -29.27 -2.54
C THR B 67 -30.36 -27.96 -3.18
N LEU B 68 -29.38 -27.36 -2.53
CA LEU B 68 -28.76 -26.11 -2.96
C LEU B 68 -27.38 -26.38 -3.52
N LEU B 69 -27.11 -25.82 -4.70
CA LEU B 69 -25.78 -25.80 -5.29
C LEU B 69 -25.11 -24.46 -5.02
N ASP B 70 -23.87 -24.49 -4.49
CA ASP B 70 -23.06 -23.28 -4.34
C ASP B 70 -21.93 -23.35 -5.37
N VAL B 71 -22.00 -22.53 -6.41
CA VAL B 71 -21.00 -22.52 -7.47
C VAL B 71 -19.84 -21.63 -7.07
N GLY B 72 -18.70 -22.26 -6.79
CA GLY B 72 -17.52 -21.55 -6.37
C GLY B 72 -17.53 -21.28 -4.88
N CYS B 73 -17.45 -22.34 -4.10
CA CYS B 73 -17.84 -22.30 -2.68
C CYS B 73 -16.75 -21.85 -1.73
N GLY B 74 -15.55 -21.55 -2.22
CA GLY B 74 -14.51 -21.10 -1.32
C GLY B 74 -14.29 -22.09 -0.20
N TRP B 75 -14.01 -21.54 0.98
CA TRP B 75 -13.71 -22.35 2.14
C TRP B 75 -14.96 -22.83 2.88
N GLY B 76 -16.14 -22.70 2.27
CA GLY B 76 -17.32 -23.38 2.70
C GLY B 76 -18.27 -22.67 3.62
N GLY B 77 -18.06 -21.38 3.86
CA GLY B 77 -18.87 -20.69 4.84
C GLY B 77 -20.35 -20.66 4.52
N ALA B 78 -20.69 -20.46 3.25
CA ALA B 78 -22.10 -20.41 2.89
C ALA B 78 -22.73 -21.78 2.89
N LEU B 79 -21.97 -22.80 2.51
CA LEU B 79 -22.47 -24.17 2.61
C LEU B 79 -22.86 -24.53 4.05
N VAL B 80 -21.98 -24.21 5.00
CA VAL B 80 -22.25 -24.53 6.40
C VAL B 80 -23.48 -23.77 6.88
N ARG B 81 -23.57 -22.48 6.54
CA ARG B 81 -24.74 -21.70 6.94
C ARG B 81 -26.02 -22.28 6.35
N ALA B 82 -25.98 -22.68 5.08
CA ALA B 82 -27.15 -23.25 4.44
C ALA B 82 -27.64 -24.48 5.19
N VAL B 83 -26.71 -25.38 5.55
CA VAL B 83 -27.13 -26.57 6.29
C VAL B 83 -27.70 -26.18 7.65
N GLU B 84 -26.97 -25.34 8.40
CA GLU B 84 -27.30 -25.11 9.80
C GLU B 84 -28.57 -24.28 9.97
N LYS B 85 -28.72 -23.21 9.20
CA LYS B 85 -29.86 -22.32 9.37
C LYS B 85 -31.05 -22.74 8.53
N TYR B 86 -30.82 -23.25 7.30
CA TYR B 86 -31.90 -23.51 6.36
C TYR B 86 -32.24 -24.99 6.19
N ASP B 87 -31.45 -25.89 6.77
CA ASP B 87 -31.76 -27.32 6.77
C ASP B 87 -31.93 -27.88 5.36
N VAL B 88 -31.04 -27.49 4.45
CA VAL B 88 -31.05 -27.97 3.08
C VAL B 88 -29.87 -28.90 2.87
N ASN B 89 -30.02 -29.83 1.92
CA ASN B 89 -28.88 -30.53 1.36
C ASN B 89 -28.05 -29.55 0.54
N VAL B 90 -26.73 -29.73 0.54
CA VAL B 90 -25.85 -28.82 -0.17
C VAL B 90 -24.83 -29.58 -1.00
N ILE B 91 -24.48 -28.96 -2.15
CA ILE B 91 -23.36 -29.38 -2.98
C ILE B 91 -22.55 -28.12 -3.30
N GLY B 92 -21.28 -28.10 -2.95
CA GLY B 92 -20.42 -26.97 -3.26
C GLY B 92 -19.41 -27.39 -4.31
N LEU B 93 -19.19 -26.50 -5.28
CA LEU B 93 -18.21 -26.71 -6.34
C LEU B 93 -17.08 -25.71 -6.19
N THR B 94 -15.83 -26.19 -6.34
CA THR B 94 -14.67 -25.31 -6.36
C THR B 94 -13.61 -25.91 -7.26
N LEU B 95 -12.75 -25.04 -7.78
CA LEU B 95 -11.55 -25.46 -8.51
C LEU B 95 -10.28 -25.42 -7.66
N SER B 96 -10.38 -25.00 -6.41
CA SER B 96 -9.23 -24.84 -5.52
C SER B 96 -9.14 -26.00 -4.52
N ARG B 97 -7.96 -26.61 -4.44
CA ARG B 97 -7.79 -27.72 -3.51
C ARG B 97 -7.95 -27.25 -2.08
N ASN B 98 -7.42 -26.07 -1.75
CA ASN B 98 -7.48 -25.59 -0.38
C ASN B 98 -8.92 -25.24 0.01
N HIS B 99 -9.68 -24.69 -0.94
CA HIS B 99 -11.08 -24.41 -0.68
C HIS B 99 -11.86 -25.70 -0.47
N TYR B 100 -11.57 -26.69 -1.32
CA TYR B 100 -12.25 -27.97 -1.22
C TYR B 100 -11.98 -28.63 0.13
N GLU B 101 -10.70 -28.70 0.54
CA GLU B 101 -10.34 -29.42 1.77
C GLU B 101 -11.02 -28.79 2.99
N ARG B 102 -11.00 -27.46 3.10
CA ARG B 102 -11.64 -26.82 4.25
C ARG B 102 -13.17 -26.96 4.20
N SER B 103 -13.78 -26.80 3.02
CA SER B 103 -15.21 -27.02 2.88
C SER B 103 -15.60 -28.44 3.28
N LYS B 104 -14.85 -29.42 2.78
CA LYS B 104 -15.13 -30.82 3.13
C LYS B 104 -15.08 -31.04 4.65
N ASP B 105 -14.02 -30.55 5.29
CA ASP B 105 -13.87 -30.78 6.72
C ASP B 105 -14.98 -30.09 7.50
N ARG B 106 -15.28 -28.83 7.14
CA ARG B 106 -16.30 -28.08 7.88
C ARG B 106 -17.67 -28.72 7.75
N LEU B 107 -18.02 -29.19 6.54
CA LEU B 107 -19.32 -29.84 6.38
C LEU B 107 -19.39 -31.13 7.18
N ALA B 108 -18.31 -31.92 7.19
CA ALA B 108 -18.34 -33.18 7.92
C ALA B 108 -18.48 -32.94 9.42
N ALA B 109 -17.94 -31.82 9.92
CA ALA B 109 -17.98 -31.56 11.34
C ALA B 109 -19.36 -31.13 11.82
N ILE B 110 -20.27 -30.77 10.93
CA ILE B 110 -21.61 -30.41 11.37
C ILE B 110 -22.32 -31.61 11.97
N GLY B 111 -22.06 -32.80 11.43
CA GLY B 111 -22.80 -33.98 11.86
C GLY B 111 -24.24 -33.92 11.41
N THR B 112 -24.51 -33.44 10.21
CA THR B 112 -25.87 -33.32 9.71
C THR B 112 -26.32 -34.63 9.07
N GLN B 113 -27.63 -34.85 9.08
CA GLN B 113 -28.20 -35.95 8.34
C GLN B 113 -28.49 -35.59 6.89
N ARG B 114 -28.40 -34.31 6.54
CA ARG B 114 -28.57 -33.88 5.17
C ARG B 114 -27.35 -34.29 4.36
N ARG B 115 -27.55 -34.39 3.05
CA ARG B 115 -26.45 -34.57 2.13
C ARG B 115 -25.70 -33.25 2.06
N ALA B 116 -24.39 -33.31 2.32
CA ALA B 116 -23.58 -32.10 2.41
C ALA B 116 -22.23 -32.45 1.81
N GLU B 117 -21.97 -32.00 0.58
CA GLU B 117 -20.74 -32.39 -0.09
C GLU B 117 -20.06 -31.20 -0.72
N ALA B 118 -18.75 -31.18 -0.62
CA ALA B 118 -17.89 -30.29 -1.38
C ALA B 118 -17.25 -31.13 -2.48
N ARG B 119 -17.00 -30.49 -3.62
CA ARG B 119 -16.44 -31.19 -4.76
C ARG B 119 -15.42 -30.30 -5.45
N LEU B 120 -14.32 -30.92 -5.87
CA LEU B 120 -13.28 -30.26 -6.66
C LEU B 120 -13.70 -30.53 -8.10
N GLN B 121 -14.54 -29.65 -8.62
CA GLN B 121 -15.24 -29.85 -9.88
C GLN B 121 -15.75 -28.50 -10.35
N GLY B 122 -15.60 -28.22 -11.64
CA GLY B 122 -16.18 -27.02 -12.21
C GLY B 122 -17.68 -27.17 -12.54
N TRP B 123 -18.36 -26.02 -12.59
CA TRP B 123 -19.78 -26.02 -12.95
C TRP B 123 -19.99 -26.63 -14.33
N GLU B 124 -19.00 -26.49 -15.20
CA GLU B 124 -19.14 -26.99 -16.56
C GLU B 124 -19.28 -28.50 -16.60
N GLU B 125 -18.84 -29.18 -15.54
CA GLU B 125 -18.91 -30.63 -15.46
C GLU B 125 -20.01 -31.13 -14.54
N PHE B 126 -20.76 -30.22 -13.91
CA PHE B 126 -21.83 -30.59 -13.00
C PHE B 126 -23.13 -30.67 -13.76
N GLU B 127 -23.84 -31.80 -13.62
CA GLU B 127 -25.00 -32.10 -14.43
C GLU B 127 -26.23 -32.53 -13.64
N GLU B 128 -26.20 -32.49 -12.31
CA GLU B 128 -27.26 -33.04 -11.49
C GLU B 128 -28.37 -32.01 -11.26
N ASN B 129 -29.59 -32.53 -11.11
CA ASN B 129 -30.72 -31.71 -10.72
C ASN B 129 -30.50 -31.10 -9.34
N VAL B 130 -30.79 -29.81 -9.21
CA VAL B 130 -30.74 -29.12 -7.93
C VAL B 130 -31.93 -28.19 -7.89
N ASP B 131 -32.38 -27.85 -6.67
CA ASP B 131 -33.56 -27.01 -6.55
C ASP B 131 -33.26 -25.52 -6.67
N ARG B 132 -32.08 -25.09 -6.22
CA ARG B 132 -31.71 -23.69 -6.12
C ARG B 132 -30.20 -23.60 -6.30
N ILE B 133 -29.74 -22.47 -6.85
CA ILE B 133 -28.32 -22.20 -7.03
C ILE B 133 -27.97 -20.85 -6.39
N VAL B 134 -26.83 -20.83 -5.72
CA VAL B 134 -26.22 -19.59 -5.24
C VAL B 134 -24.77 -19.56 -5.70
N SER B 135 -24.24 -18.34 -5.87
CA SER B 135 -22.84 -18.19 -6.25
C SER B 135 -22.36 -16.82 -5.80
N PHE B 136 -21.24 -16.77 -5.06
CA PHE B 136 -20.69 -15.54 -4.55
C PHE B 136 -19.31 -15.28 -5.16
N GLU B 137 -19.26 -14.33 -6.08
CA GLU B 137 -18.03 -13.81 -6.68
C GLU B 137 -17.20 -14.93 -7.31
N ALA B 138 -17.88 -15.87 -7.95
CA ALA B 138 -17.21 -16.81 -8.84
C ALA B 138 -17.36 -16.44 -10.30
N PHE B 139 -18.45 -15.77 -10.68
CA PHE B 139 -18.76 -15.53 -12.09
C PHE B 139 -17.63 -14.75 -12.78
N ASP B 140 -16.98 -13.84 -12.08
CA ASP B 140 -15.92 -13.05 -12.70
C ASP B 140 -14.67 -13.87 -13.00
N ALA B 141 -14.55 -15.07 -12.43
CA ALA B 141 -13.47 -15.97 -12.78
C ALA B 141 -13.78 -16.87 -13.96
N PHE B 142 -15.02 -16.86 -14.46
CA PHE B 142 -15.37 -17.70 -15.58
C PHE B 142 -14.80 -17.12 -16.87
N LYS B 143 -14.55 -17.99 -17.84
CA LYS B 143 -14.15 -17.53 -19.16
C LYS B 143 -15.28 -16.70 -19.78
N LYS B 144 -14.93 -15.58 -20.42
CA LYS B 144 -15.94 -14.73 -21.03
C LYS B 144 -16.77 -15.48 -22.08
N GLU B 145 -16.13 -16.35 -22.85
CA GLU B 145 -16.88 -17.12 -23.83
C GLU B 145 -17.78 -18.17 -23.20
N ARG B 146 -17.76 -18.31 -21.88
CA ARG B 146 -18.59 -19.30 -21.19
C ARG B 146 -19.71 -18.65 -20.38
N TYR B 147 -19.84 -17.33 -20.41
CA TYR B 147 -20.86 -16.65 -19.62
C TYR B 147 -22.26 -17.18 -19.97
N LEU B 148 -22.59 -17.19 -21.26
CA LEU B 148 -23.90 -17.66 -21.66
C LEU B 148 -24.07 -19.13 -21.32
N THR B 149 -23.06 -19.94 -21.63
CA THR B 149 -23.10 -21.36 -21.28
C THR B 149 -23.43 -21.58 -19.81
N PHE B 150 -22.84 -20.75 -18.94
CA PHE B 150 -23.10 -20.89 -17.51
C PHE B 150 -24.58 -20.69 -17.21
N PHE B 151 -25.18 -19.66 -17.78
CA PHE B 151 -26.61 -19.43 -17.55
C PHE B 151 -27.48 -20.53 -18.17
N GLU B 152 -27.08 -21.06 -19.32
CA GLU B 152 -27.85 -22.14 -19.95
C GLU B 152 -27.82 -23.40 -19.07
N ARG B 153 -26.63 -23.76 -18.58
CA ARG B 153 -26.51 -24.92 -17.69
C ARG B 153 -27.32 -24.71 -16.41
N SER B 154 -27.19 -23.53 -15.81
CA SER B 154 -27.93 -23.23 -14.59
C SER B 154 -29.43 -23.34 -14.80
N TYR B 155 -29.92 -22.80 -15.91
CA TYR B 155 -31.32 -22.93 -16.24
C TYR B 155 -31.71 -24.40 -16.38
N ASP B 156 -30.89 -25.17 -17.08
CA ASP B 156 -31.25 -26.55 -17.38
C ASP B 156 -31.33 -27.45 -16.15
N ILE B 157 -30.48 -27.23 -15.15
CA ILE B 157 -30.46 -28.10 -13.97
C ILE B 157 -31.45 -27.68 -12.91
N LEU B 158 -32.03 -26.50 -13.00
CA LEU B 158 -33.03 -26.01 -12.06
C LEU B 158 -34.43 -26.47 -12.46
N PRO B 159 -35.31 -26.66 -11.49
CA PRO B 159 -36.71 -26.99 -11.82
C PRO B 159 -37.38 -25.81 -12.48
N ASP B 160 -38.61 -26.05 -12.93
CA ASP B 160 -39.32 -25.01 -13.66
C ASP B 160 -39.57 -23.77 -12.82
N ASP B 161 -39.69 -23.93 -11.50
CA ASP B 161 -39.88 -22.83 -10.57
C ASP B 161 -38.59 -22.54 -9.79
N GLY B 162 -37.46 -22.95 -10.33
CA GLY B 162 -36.19 -22.70 -9.66
C GLY B 162 -35.79 -21.23 -9.65
N ARG B 163 -34.84 -20.93 -8.76
CA ARG B 163 -34.28 -19.59 -8.61
C ARG B 163 -32.78 -19.72 -8.43
N MET B 164 -32.08 -18.67 -8.90
CA MET B 164 -30.65 -18.59 -8.69
C MET B 164 -30.32 -17.21 -8.17
N LEU B 165 -29.51 -17.16 -7.13
CA LEU B 165 -28.99 -15.88 -6.63
C LEU B 165 -27.53 -15.79 -7.07
N LEU B 166 -27.28 -14.91 -8.02
CA LEU B 166 -25.94 -14.64 -8.50
C LEU B 166 -25.43 -13.37 -7.83
N HIS B 167 -24.45 -13.53 -6.95
CA HIS B 167 -23.75 -12.41 -6.34
C HIS B 167 -22.44 -12.24 -7.12
N SER B 168 -22.28 -11.10 -7.79
CA SER B 168 -21.13 -10.93 -8.66
C SER B 168 -20.65 -9.49 -8.68
N LEU B 169 -19.32 -9.35 -8.73
CA LEU B 169 -18.69 -8.12 -9.17
C LEU B 169 -19.05 -7.79 -10.61
N PHE B 170 -19.02 -6.50 -10.94
CA PHE B 170 -19.11 -6.09 -12.35
C PHE B 170 -18.48 -4.71 -12.48
N THR B 171 -18.05 -4.40 -13.71
CA THR B 171 -17.41 -3.13 -13.98
C THR B 171 -18.39 -2.25 -14.72
N TYR B 172 -18.15 -0.96 -14.64
CA TYR B 172 -18.82 0.00 -15.52
C TYR B 172 -17.91 0.34 -16.69
N ASP B 173 -18.53 0.54 -17.85
CA ASP B 173 -17.82 0.99 -19.03
C ASP B 173 -17.52 2.47 -18.95
N ARG B 174 -16.49 2.87 -19.68
CA ARG B 174 -16.00 4.24 -19.61
C ARG B 174 -16.99 5.26 -20.17
N ARG B 175 -17.84 4.87 -21.13
CA ARG B 175 -18.84 5.82 -21.61
C ARG B 175 -19.87 6.10 -20.53
N TRP B 176 -20.36 5.05 -19.86
CA TRP B 176 -21.28 5.27 -18.74
C TRP B 176 -20.61 6.05 -17.61
N LEU B 177 -19.37 5.73 -17.28
CA LEU B 177 -18.69 6.49 -16.25
C LEU B 177 -18.58 7.96 -16.61
N HIS B 178 -18.26 8.25 -17.87
CA HIS B 178 -18.18 9.65 -18.29
C HIS B 178 -19.50 10.36 -18.03
N GLU B 179 -20.61 9.69 -18.33
CA GLU B 179 -21.95 10.26 -18.16
C GLU B 179 -22.30 10.47 -16.69
N GLN B 180 -21.57 9.84 -15.77
CA GLN B 180 -21.71 10.07 -14.34
C GLN B 180 -20.68 11.02 -13.80
N GLY B 181 -19.86 11.62 -14.66
CA GLY B 181 -18.84 12.55 -14.20
C GLY B 181 -17.51 11.95 -13.84
N ILE B 182 -17.23 10.72 -14.24
CA ILE B 182 -16.07 9.96 -13.79
C ILE B 182 -15.23 9.58 -15.00
N ALA B 183 -13.90 9.74 -14.88
CA ALA B 183 -12.95 9.26 -15.88
C ALA B 183 -11.89 8.41 -15.16
N LEU B 184 -11.35 7.42 -15.87
CA LEU B 184 -10.26 6.59 -15.33
C LEU B 184 -8.94 7.33 -15.49
N THR B 185 -8.16 7.33 -14.43
CA THR B 185 -6.85 7.95 -14.44
C THR B 185 -5.79 6.95 -14.90
N MET B 186 -4.59 7.49 -15.15
CA MET B 186 -3.45 6.63 -15.44
C MET B 186 -3.21 5.65 -14.28
N SER B 187 -3.38 6.11 -13.04
CA SER B 187 -3.27 5.21 -11.89
C SER B 187 -4.31 4.11 -11.93
N ASP B 188 -5.55 4.44 -12.34
CA ASP B 188 -6.59 3.43 -12.44
C ASP B 188 -6.19 2.38 -13.47
N LEU B 189 -5.64 2.81 -14.60
CA LEU B 189 -5.24 1.86 -15.65
C LEU B 189 -4.09 0.97 -15.17
N ARG B 190 -3.14 1.54 -14.42
CA ARG B 190 -2.05 0.75 -13.87
C ARG B 190 -2.59 -0.26 -12.87
N PHE B 191 -3.60 0.13 -12.09
CA PHE B 191 -4.18 -0.77 -11.11
C PHE B 191 -4.88 -1.95 -11.79
N LEU B 192 -5.59 -1.71 -12.91
CA LEU B 192 -6.20 -2.81 -13.66
C LEU B 192 -5.14 -3.78 -14.18
N LYS B 193 -4.02 -3.25 -14.65
CA LYS B 193 -2.93 -4.13 -15.10
C LYS B 193 -2.40 -4.95 -13.94
N PHE B 194 -2.20 -4.33 -12.77
CA PHE B 194 -1.80 -5.05 -11.57
C PHE B 194 -2.75 -6.21 -11.29
N LEU B 195 -4.05 -5.94 -11.31
CA LEU B 195 -5.02 -6.99 -11.02
C LEU B 195 -4.93 -8.12 -12.04
N ARG B 196 -4.87 -7.78 -13.32
CA ARG B 196 -4.88 -8.81 -14.36
C ARG B 196 -3.72 -9.77 -14.21
N GLU B 197 -2.56 -9.27 -13.80
CA GLU B 197 -1.34 -10.06 -13.72
C GLU B 197 -1.13 -10.68 -12.36
N SER B 198 -2.09 -10.54 -11.45
CA SER B 198 -1.98 -11.02 -10.08
C SER B 198 -2.97 -12.15 -9.84
N ILE B 199 -2.97 -12.67 -8.62
CA ILE B 199 -4.00 -13.62 -8.19
C ILE B 199 -5.30 -12.92 -7.82
N PHE B 200 -5.30 -11.61 -7.78
CA PHE B 200 -6.45 -10.90 -7.22
C PHE B 200 -7.55 -10.76 -8.27
N PRO B 201 -8.80 -10.69 -7.82
CA PRO B 201 -9.90 -10.50 -8.77
C PRO B 201 -9.99 -9.05 -9.22
N GLY B 202 -10.67 -8.87 -10.36
CA GLY B 202 -11.03 -7.54 -10.82
C GLY B 202 -10.33 -7.08 -12.06
N GLY B 203 -9.46 -7.89 -12.65
CA GLY B 203 -8.69 -7.43 -13.78
C GLY B 203 -9.46 -7.37 -15.08
N GLU B 204 -10.41 -8.28 -15.25
CA GLU B 204 -11.21 -8.39 -16.47
C GLU B 204 -12.65 -8.71 -16.09
N LEU B 205 -13.27 -7.80 -15.34
CA LEU B 205 -14.58 -8.07 -14.80
C LEU B 205 -15.63 -8.08 -15.91
N PRO B 206 -16.70 -8.85 -15.73
CA PRO B 206 -17.85 -8.70 -16.62
C PRO B 206 -18.49 -7.33 -16.45
N SER B 207 -19.11 -6.87 -17.51
CA SER B 207 -20.02 -5.74 -17.41
C SER B 207 -21.36 -6.21 -16.86
N GLU B 208 -22.19 -5.25 -16.48
CA GLU B 208 -23.54 -5.63 -16.07
C GLU B 208 -24.31 -6.28 -17.22
N PRO B 209 -24.26 -5.80 -18.46
CA PRO B 209 -24.91 -6.56 -19.55
C PRO B 209 -24.38 -7.97 -19.74
N ASP B 210 -23.09 -8.20 -19.44
CA ASP B 210 -22.54 -9.55 -19.55
C ASP B 210 -23.27 -10.49 -18.60
N ILE B 211 -23.73 -9.97 -17.47
CA ILE B 211 -24.55 -10.76 -16.55
C ILE B 211 -26.00 -10.82 -17.04
N VAL B 212 -26.63 -9.66 -17.19
CA VAL B 212 -28.07 -9.56 -17.39
C VAL B 212 -28.48 -10.06 -18.77
N ASP B 213 -27.77 -9.63 -19.82
CA ASP B 213 -28.20 -10.00 -21.16
C ASP B 213 -28.03 -11.49 -21.40
N ASN B 214 -26.95 -12.08 -20.91
CA ASN B 214 -26.75 -13.53 -21.05
C ASN B 214 -27.74 -14.31 -20.20
N ALA B 215 -28.02 -13.85 -18.98
CA ALA B 215 -29.03 -14.53 -18.17
C ALA B 215 -30.37 -14.52 -18.86
N GLN B 216 -30.76 -13.37 -19.43
CA GLN B 216 -32.06 -13.28 -20.10
C GLN B 216 -32.09 -14.11 -21.36
N ALA B 217 -30.98 -14.15 -22.12
CA ALA B 217 -30.94 -14.99 -23.31
C ALA B 217 -31.11 -16.46 -22.97
N ALA B 218 -30.67 -16.87 -21.78
CA ALA B 218 -30.83 -18.24 -21.35
C ALA B 218 -32.22 -18.56 -20.81
N GLY B 219 -33.07 -17.55 -20.59
CA GLY B 219 -34.43 -17.75 -20.15
C GLY B 219 -34.74 -17.19 -18.78
N PHE B 220 -33.77 -16.64 -18.07
CA PHE B 220 -34.05 -16.12 -16.74
C PHE B 220 -34.67 -14.73 -16.81
N THR B 221 -35.45 -14.43 -15.77
CA THR B 221 -35.91 -13.08 -15.47
C THR B 221 -35.10 -12.53 -14.31
N ILE B 222 -34.78 -11.24 -14.36
CA ILE B 222 -34.08 -10.56 -13.27
C ILE B 222 -35.15 -9.98 -12.36
N GLU B 223 -35.47 -10.69 -11.29
CA GLU B 223 -36.52 -10.25 -10.38
C GLU B 223 -36.10 -9.09 -9.51
N HIS B 224 -34.80 -9.02 -9.16
CA HIS B 224 -34.30 -7.98 -8.29
C HIS B 224 -32.79 -7.85 -8.44
N VAL B 225 -32.29 -6.62 -8.36
CA VAL B 225 -30.87 -6.36 -8.28
C VAL B 225 -30.63 -5.53 -7.02
N GLN B 226 -29.72 -6.00 -6.17
CA GLN B 226 -29.33 -5.28 -4.97
C GLN B 226 -27.84 -4.94 -5.04
N LEU B 227 -27.56 -3.64 -5.14
CA LEU B 227 -26.19 -3.16 -5.21
C LEU B 227 -25.58 -3.06 -3.82
N LEU B 228 -24.29 -3.41 -3.70
CA LEU B 228 -23.59 -3.52 -2.42
C LEU B 228 -22.28 -2.73 -2.42
N GLN B 229 -22.14 -1.76 -3.32
CA GLN B 229 -20.88 -1.06 -3.56
C GLN B 229 -20.19 -0.59 -2.28
N GLN B 230 -20.89 0.14 -1.43
CA GLN B 230 -20.22 0.70 -0.27
C GLN B 230 -20.03 -0.33 0.84
N HIS B 231 -20.81 -1.42 0.82
CA HIS B 231 -20.50 -2.54 1.70
C HIS B 231 -19.16 -3.20 1.33
N TYR B 232 -18.84 -3.26 0.03
CA TYR B 232 -17.54 -3.83 -0.34
C TYR B 232 -16.41 -2.89 0.09
N ALA B 233 -16.59 -1.58 -0.08
CA ALA B 233 -15.58 -0.64 0.41
C ALA B 233 -15.29 -0.89 1.87
N ARG B 234 -16.34 -1.06 2.67
CA ARG B 234 -16.15 -1.28 4.11
C ARG B 234 -15.48 -2.63 4.38
N THR B 235 -15.91 -3.68 3.67
CA THR B 235 -15.31 -5.01 3.80
C THR B 235 -13.82 -4.98 3.51
N LEU B 236 -13.43 -4.35 2.40
CA LEU B 236 -12.03 -4.26 2.04
C LEU B 236 -11.23 -3.46 3.06
N ASP B 237 -11.81 -2.38 3.59
CA ASP B 237 -11.15 -1.62 4.66
C ASP B 237 -10.90 -2.52 5.87
N ALA B 238 -11.89 -3.36 6.21
CA ALA B 238 -11.76 -4.24 7.37
C ALA B 238 -10.67 -5.27 7.18
N TRP B 239 -10.62 -5.92 6.02
CA TRP B 239 -9.56 -6.86 5.72
C TRP B 239 -8.19 -6.17 5.75
N ALA B 240 -8.10 -4.97 5.19
CA ALA B 240 -6.83 -4.24 5.16
C ALA B 240 -6.37 -3.96 6.59
N ALA B 241 -7.27 -3.46 7.45
CA ALA B 241 -6.89 -3.18 8.82
C ALA B 241 -6.50 -4.45 9.55
N ASN B 242 -7.20 -5.55 9.31
CA ASN B 242 -6.85 -6.81 9.96
C ASN B 242 -5.47 -7.27 9.52
N LEU B 243 -5.15 -7.14 8.23
CA LEU B 243 -3.87 -7.60 7.73
C LEU B 243 -2.76 -6.69 8.25
N GLN B 244 -2.99 -5.37 8.27
CA GLN B 244 -2.02 -4.45 8.88
C GLN B 244 -1.75 -4.77 10.33
N ALA B 245 -2.80 -5.11 11.08
CA ALA B 245 -2.61 -5.51 12.49
C ALA B 245 -1.81 -6.79 12.64
N ALA B 246 -1.76 -7.64 11.62
CA ALA B 246 -1.06 -8.92 11.63
C ALA B 246 0.15 -8.92 10.70
N ARG B 247 0.71 -7.74 10.43
CA ARG B 247 1.79 -7.62 9.46
C ARG B 247 2.97 -8.53 9.76
N GLU B 248 3.41 -8.60 11.04
CA GLU B 248 4.60 -9.39 11.31
C GLU B 248 4.34 -10.88 11.04
N ARG B 249 3.19 -11.38 11.48
CA ARG B 249 2.87 -12.77 11.23
C ARG B 249 2.68 -13.02 9.74
N ALA B 250 2.07 -12.07 9.03
CA ALA B 250 1.84 -12.21 7.61
C ALA B 250 3.14 -12.34 6.83
N ILE B 251 4.14 -11.53 7.20
CA ILE B 251 5.44 -11.62 6.54
C ILE B 251 6.11 -12.96 6.87
N ALA B 252 5.96 -13.43 8.11
CA ALA B 252 6.55 -14.71 8.49
C ALA B 252 5.91 -15.88 7.74
N VAL B 253 4.57 -15.85 7.58
CA VAL B 253 3.87 -16.92 6.90
C VAL B 253 4.18 -16.89 5.40
N GLN B 254 4.28 -15.70 4.82
CA GLN B 254 4.57 -15.54 3.41
C GLN B 254 5.80 -14.73 3.25
N SER B 255 5.71 -13.42 2.89
CA SER B 255 6.84 -12.54 2.74
C SER B 255 6.35 -11.09 2.77
N GLU B 256 7.31 -10.18 2.91
CA GLU B 256 6.99 -8.75 2.82
C GLU B 256 6.40 -8.40 1.46
N GLU B 257 6.94 -8.98 0.38
CA GLU B 257 6.42 -8.67 -0.94
C GLU B 257 4.95 -9.10 -1.07
N VAL B 258 4.61 -10.30 -0.60
CA VAL B 258 3.23 -10.74 -0.62
C VAL B 258 2.34 -9.86 0.24
N TYR B 259 2.79 -9.52 1.45
CA TYR B 259 2.01 -8.66 2.32
C TYR B 259 1.70 -7.34 1.63
N ASN B 260 2.74 -6.70 1.06
CA ASN B 260 2.54 -5.41 0.40
C ASN B 260 1.64 -5.53 -0.83
N ASN B 261 1.73 -6.66 -1.57
CA ASN B 261 0.84 -6.82 -2.71
C ASN B 261 -0.61 -6.98 -2.29
N PHE B 262 -0.86 -7.76 -1.24
CA PHE B 262 -2.21 -7.84 -0.70
C PHE B 262 -2.69 -6.48 -0.25
N MET B 263 -1.84 -5.72 0.45
CA MET B 263 -2.29 -4.40 0.92
C MET B 263 -2.62 -3.49 -0.26
N HIS B 264 -1.82 -3.54 -1.33
CA HIS B 264 -2.12 -2.74 -2.52
C HIS B 264 -3.48 -3.11 -3.12
N TYR B 265 -3.75 -4.41 -3.26
CA TYR B 265 -5.06 -4.86 -3.72
C TYR B 265 -6.19 -4.38 -2.81
N LEU B 266 -6.08 -4.61 -1.50
CA LEU B 266 -7.20 -4.33 -0.61
C LEU B 266 -7.51 -2.84 -0.57
N THR B 267 -6.48 -2.00 -0.39
CA THR B 267 -6.72 -0.57 -0.28
C THR B 267 -7.04 0.03 -1.64
N GLY B 268 -6.44 -0.46 -2.74
CA GLY B 268 -6.74 0.06 -4.07
C GLY B 268 -8.14 -0.30 -4.50
N CYS B 269 -8.60 -1.51 -4.19
CA CYS B 269 -9.98 -1.86 -4.52
CA CYS B 269 -9.97 -1.88 -4.50
C CYS B 269 -10.96 -1.06 -3.67
N ALA B 270 -10.68 -0.88 -2.36
CA ALA B 270 -11.61 -0.10 -1.55
C ALA B 270 -11.75 1.31 -2.08
N GLU B 271 -10.63 1.92 -2.46
CA GLU B 271 -10.66 3.28 -2.98
C GLU B 271 -11.52 3.36 -4.25
N ARG B 272 -11.47 2.33 -5.09
CA ARG B 272 -12.17 2.35 -6.35
C ARG B 272 -13.65 2.01 -6.21
N PHE B 273 -14.03 1.22 -5.19
CA PHE B 273 -15.45 1.11 -4.88
C PHE B 273 -16.01 2.45 -4.38
N ARG B 274 -15.27 3.17 -3.54
CA ARG B 274 -15.77 4.47 -3.10
C ARG B 274 -15.89 5.46 -4.25
N ARG B 275 -14.96 5.41 -5.21
CA ARG B 275 -15.02 6.29 -6.35
C ARG B 275 -16.06 5.88 -7.37
N GLY B 276 -16.55 4.65 -7.31
CA GLY B 276 -17.64 4.23 -8.16
C GLY B 276 -17.22 3.62 -9.47
N LEU B 277 -16.03 3.06 -9.58
CA LEU B 277 -15.55 2.54 -10.87
C LEU B 277 -16.10 1.16 -11.17
N ILE B 278 -16.48 0.43 -10.13
CA ILE B 278 -17.01 -0.91 -10.26
C ILE B 278 -18.07 -1.09 -9.18
N ASN B 279 -18.76 -2.22 -9.24
CA ASN B 279 -19.81 -2.48 -8.27
C ASN B 279 -19.86 -3.97 -7.97
N VAL B 280 -20.75 -4.34 -7.06
CA VAL B 280 -21.00 -5.73 -6.72
C VAL B 280 -22.49 -5.79 -6.41
N ALA B 281 -23.14 -6.85 -6.86
CA ALA B 281 -24.59 -6.92 -6.71
C ALA B 281 -25.05 -8.35 -6.57
N GLN B 282 -26.20 -8.49 -5.92
CA GLN B 282 -26.94 -9.73 -5.91
C GLN B 282 -28.09 -9.65 -6.90
N PHE B 283 -28.09 -10.57 -7.87
CA PHE B 283 -29.09 -10.67 -8.92
C PHE B 283 -29.98 -11.86 -8.60
N THR B 284 -31.27 -11.60 -8.28
CA THR B 284 -32.24 -12.67 -8.06
C THR B 284 -32.79 -13.06 -9.41
N MET B 285 -32.49 -14.30 -9.84
CA MET B 285 -32.86 -14.77 -11.15
C MET B 285 -33.91 -15.87 -11.07
N THR B 286 -35.00 -15.69 -11.82
CA THR B 286 -36.15 -16.59 -11.75
C THR B 286 -36.48 -17.09 -13.15
N LYS B 287 -37.42 -18.01 -13.20
CA LYS B 287 -37.76 -18.65 -14.45
C LYS B 287 -39.21 -18.43 -14.87
N SAM C . 17.22 17.93 5.49
CA SAM C . 15.81 17.95 5.85
C SAM C . 15.49 16.75 6.71
O SAM C . 16.47 16.03 7.14
OXT SAM C . 14.26 16.58 6.99
CB SAM C . 14.98 17.96 4.56
CG SAM C . 15.44 17.03 3.45
SD SAM C . 14.35 17.24 2.03
CE SAM C . 14.22 15.56 1.30
C5' SAM C . 15.31 18.16 0.83
C4' SAM C . 15.38 19.63 1.18
O4' SAM C . 16.60 20.06 0.20
C3' SAM C . 14.32 20.37 0.86
O3' SAM C . 14.25 21.43 1.89
C2' SAM C . 14.60 21.02 -0.53
O2' SAM C . 14.07 22.25 -0.80
C1' SAM C . 16.17 21.19 -0.40
N9 SAM C . 16.86 21.41 -1.66
C8 SAM C . 16.75 20.72 -2.80
N7 SAM C . 17.57 21.24 -3.74
C5 SAM C . 18.24 22.32 -3.13
C6 SAM C . 19.18 23.26 -3.56
N6 SAM C . 19.70 23.23 -4.93
N1 SAM C . 19.60 24.15 -2.68
C2 SAM C . 19.10 24.22 -1.45
N3 SAM C . 18.22 23.35 -0.98
C4 SAM C . 17.78 22.41 -1.83
HN1 SAM C . 17.70 17.96 6.22
HN2 SAM C . 17.41 18.64 4.98
HA SAM C . 15.59 18.74 6.37
HB1 SAM C . 14.07 17.73 4.79
HB2 SAM C . 15.00 18.87 4.22
HG1 SAM C . 15.40 16.11 3.76
HG2 SAM C . 16.35 17.24 3.20
HE1 SAM C . 13.39 15.14 1.61
HE2 SAM C . 14.21 15.62 0.34
HE3 SAM C . 14.97 15.02 1.58
H5'1 SAM C . 16.22 17.80 0.81
H5'2 SAM C . 14.89 18.07 -0.05
H4' SAM C . 15.46 19.80 2.13
H3' SAM C . 13.52 19.84 0.78
HO3' SAM C . 13.68 22.02 1.64
H2' SAM C . 14.25 20.42 -1.21
HO2' SAM C . 13.40 22.12 -1.31
H1' SAM C . 16.34 21.98 0.14
H8 SAM C . 16.18 19.99 -2.94
HN61 SAM C . 20.26 23.83 -5.20
HN62 SAM C . 19.45 22.60 -5.48
H2 SAM C . 19.37 24.93 -0.90
HD1 SAM C . 13.30 17.74 2.29
C1 GOL D . 17.53 -1.94 14.11
O1 GOL D . 17.09 -0.78 14.73
C2 GOL D . 18.35 -1.49 12.88
O2 GOL D . 17.98 -0.21 12.49
C3 GOL D . 19.83 -1.58 13.31
O3 GOL D . 20.58 -1.60 12.13
H11 GOL D . 16.80 -2.51 13.82
H12 GOL D . 18.08 -2.50 14.68
HO1 GOL D . 17.01 -0.20 14.13
H2 GOL D . 18.19 -2.07 12.12
HO2 GOL D . 18.50 0.03 11.85
H31 GOL D . 19.95 -2.37 13.86
H32 GOL D . 20.04 -0.82 13.89
HO3 GOL D . 21.40 -1.54 12.36
C1 EDO E . 30.55 1.08 -7.15
O1 EDO E . 29.56 0.04 -7.03
C2 EDO E . 31.39 1.14 -5.88
O2 EDO E . 31.76 2.49 -5.61
H11 EDO E . 30.07 2.04 -7.32
H12 EDO E . 31.20 0.87 -8.01
HO1 EDO E . 29.04 0.01 -7.83
H21 EDO E . 32.28 0.52 -5.99
H22 EDO E . 30.81 0.74 -5.04
HO2 EDO E . 32.32 2.53 -4.83
C1 EDO F . 39.23 28.86 -0.40
O1 EDO F . 38.32 29.67 -1.15
C2 EDO F . 38.47 28.16 0.73
O2 EDO F . 37.89 29.13 1.62
H11 EDO F . 40.02 29.48 0.02
H12 EDO F . 39.69 28.12 -1.05
HO1 EDO F . 38.81 30.12 -1.86
H21 EDO F . 39.15 27.51 1.28
H22 EDO F . 37.68 27.53 0.30
HO2 EDO F . 37.44 28.66 2.34
NA NA G . 26.31 30.46 24.64
C1 EDO H . 0.87 2.99 -7.51
O1 EDO H . -0.45 3.06 -6.95
C2 EDO H . 0.98 3.92 -8.71
O2 EDO H . 0.68 3.17 -9.89
H11 EDO H . 1.10 1.97 -7.81
H12 EDO H . 1.61 3.29 -6.75
HO1 EDO H . -0.45 2.69 -6.07
H21 EDO H . 1.98 4.35 -8.79
H22 EDO H . 0.28 4.75 -8.61
HO2 EDO H . 1.36 3.33 -10.55
N SAM I . -17.81 -17.96 -2.72
CA SAM I . -16.70 -18.03 -1.78
C SAM I . -16.77 -16.90 -0.77
O SAM I . -17.84 -16.19 -0.70
OXT SAM I . -15.76 -16.73 0.02
CB SAM I . -15.38 -18.05 -2.59
CG SAM I . -15.32 -16.98 -3.67
SD SAM I . -13.77 -17.11 -4.57
CE SAM I . -13.38 -15.40 -5.14
C5' SAM I . -14.09 -18.03 -6.08
C4' SAM I . -14.32 -19.49 -5.82
O4' SAM I . -15.02 -19.91 -7.26
C3' SAM I . -13.25 -20.26 -5.67
O3' SAM I . -13.58 -21.36 -4.71
C2' SAM I . -12.88 -20.84 -7.08
O2' SAM I . -12.30 -22.04 -7.12
C1' SAM I . -14.35 -20.98 -7.63
N9 SAM I . -14.42 -21.13 -9.09
C8 SAM I . -13.82 -20.39 -10.06
N7 SAM I . -14.19 -20.83 -11.25
C5 SAM I . -15.05 -21.91 -11.03
C6 SAM I . -15.75 -22.81 -11.86
N6 SAM I . -15.65 -22.72 -13.30
N1 SAM I . -16.51 -23.74 -11.30
C2 SAM I . -16.63 -23.86 -9.98
N3 SAM I . -15.97 -23.05 -9.14
C4 SAM I . -15.20 -22.09 -9.67
HN1 SAM I . -18.54 -18.13 -2.31
HN2 SAM I . -17.69 -18.55 -3.37
HA SAM I . -16.74 -18.85 -1.26
HB1 SAM I . -15.30 -18.92 -3.01
HB2 SAM I . -14.65 -17.92 -1.99
HG1 SAM I . -15.39 -16.11 -3.27
HG2 SAM I . -16.06 -17.09 -4.30
HE1 SAM I . -13.00 -15.44 -6.02
HE2 SAM I . -12.75 -15.00 -4.52
HE3 SAM I . -14.20 -14.88 -5.16
H5'1 SAM I . -14.88 -17.67 -6.50
H5'2 SAM I . -13.32 -17.94 -6.66
H4' SAM I . -14.80 -19.66 -5.00
H3' SAM I . -12.50 -19.72 -5.37
HO3' SAM I . -12.97 -21.95 -4.78
H2' SAM I . -12.26 -20.23 -7.52
HO2' SAM I . -11.48 -21.91 -7.33
H1' SAM I . -14.73 -21.78 -7.21
H8 SAM I . -13.23 -19.68 -9.90
HN61 SAM I . -15.23 -23.34 -13.74
HN62 SAM I . -16.02 -22.07 -13.72
H2 SAM I . -17.18 -24.53 -9.63
HD1 SAM I . -12.91 -17.60 -3.91
C1 GOL J . -21.81 1.11 6.24
O1 GOL J . -21.59 0.08 7.11
C2 GOL J . -22.36 0.47 4.98
O2 GOL J . -21.43 -0.38 4.42
C3 GOL J . -22.74 1.63 4.04
O3 GOL J . -23.72 1.13 3.17
H11 GOL J . -21.01 1.61 6.02
H12 GOL J . -22.45 1.76 6.58
HO1 GOL J . -21.83 -0.64 6.71
H2 GOL J . -23.15 -0.08 5.17
HO2 GOL J . -21.84 -1.03 4.05
H31 GOL J . -21.94 1.94 3.60
H32 GOL J . -23.04 2.38 4.59
HO3 GOL J . -23.94 1.77 2.66
C1 EDO K . -13.34 -20.33 -14.30
O1 EDO K . -12.12 -20.30 -13.54
C2 EDO K . -13.57 -21.70 -14.91
O2 EDO K . -12.80 -21.88 -16.10
H11 EDO K . -13.28 -19.58 -15.10
H12 EDO K . -14.18 -20.07 -13.65
HO1 EDO K . -11.97 -19.41 -13.21
H21 EDO K . -14.64 -21.82 -15.13
H22 EDO K . -13.31 -22.47 -14.18
HO2 EDO K . -13.09 -22.69 -16.55
#